data_2CV8
#
_entry.id   2CV8
#
_cell.length_a   54.308
_cell.length_b   54.308
_cell.length_c   242.768
_cell.angle_alpha   90.00
_cell.angle_beta   90.00
_cell.angle_gamma   90.00
#
_symmetry.space_group_name_H-M   'P 43 21 2'
#
loop_
_entity.id
_entity.type
_entity.pdbx_description
1 polymer 'tRNA-splicing endonuclease'
2 non-polymer 'CHLORIDE ION'
3 water water
#
_entity_poly.entity_id   1
_entity_poly.type   'polypeptide(L)'
_entity_poly.pdbx_seq_one_letter_code
;(MSE)IGELVKDKILIKNIEDARLIYK(MSE)GYYGKPIGISKPKSAEEINSELILSLIEGVYLVKKGKLEIVSNGERLD
FERLYQIGVTQIPRFRILYSVYEDLREKGYVVRSGIKYGADFAVYTIGPGIEHAPYLVIALDENSQISSNEILGFGRVSH
STRKELILGIVNLTNGKIRYI(MSE)FKWLK(MSE)
;
_entity_poly.pdbx_strand_id   A,B
#
# COMPACT_ATOMS: atom_id res chain seq x y z
N ILE A 2 11.16 -34.60 -21.32
CA ILE A 2 12.20 -33.86 -21.99
C ILE A 2 11.57 -32.71 -22.77
N GLY A 3 12.19 -31.53 -22.68
CA GLY A 3 11.68 -30.37 -23.37
C GLY A 3 12.76 -29.63 -24.12
N GLU A 4 12.37 -29.01 -25.23
CA GLU A 4 13.31 -28.27 -26.07
C GLU A 4 13.23 -26.78 -25.79
N LEU A 5 14.39 -26.16 -25.68
CA LEU A 5 14.45 -24.72 -25.48
C LEU A 5 14.43 -24.14 -26.87
N VAL A 6 13.50 -23.22 -27.10
CA VAL A 6 13.36 -22.56 -28.38
C VAL A 6 13.11 -21.08 -28.10
N LYS A 7 14.21 -20.32 -28.03
CA LYS A 7 14.16 -18.89 -27.75
C LYS A 7 14.00 -18.62 -26.25
N ASP A 8 12.84 -18.07 -25.90
CA ASP A 8 12.52 -17.74 -24.53
C ASP A 8 11.47 -18.69 -23.95
N LYS A 9 11.16 -19.73 -24.69
CA LYS A 9 10.16 -20.71 -24.25
C LYS A 9 10.63 -22.14 -24.40
N ILE A 10 9.89 -23.08 -23.82
CA ILE A 10 10.24 -24.48 -23.85
C ILE A 10 9.13 -25.32 -24.44
N LEU A 11 9.47 -26.03 -25.52
CA LEU A 11 8.53 -26.86 -26.26
C LEU A 11 8.48 -28.32 -25.77
N ILE A 12 7.28 -28.83 -25.57
CA ILE A 12 7.09 -30.23 -25.16
C ILE A 12 6.40 -30.88 -26.35
N LYS A 13 7.19 -31.55 -27.19
CA LYS A 13 6.67 -32.19 -28.40
C LYS A 13 5.88 -33.48 -28.21
N ASN A 14 6.26 -34.28 -27.22
CA ASN A 14 5.54 -35.54 -26.96
C ASN A 14 4.22 -35.27 -26.24
N ILE A 15 3.10 -35.71 -26.81
CA ILE A 15 1.80 -35.48 -26.19
C ILE A 15 1.57 -36.18 -24.86
N GLU A 16 2.14 -37.37 -24.67
CA GLU A 16 1.99 -38.07 -23.40
C GLU A 16 2.69 -37.22 -22.34
N ASP A 17 3.95 -36.92 -22.59
CA ASP A 17 4.77 -36.10 -21.70
C ASP A 17 4.03 -34.81 -21.42
N ALA A 18 3.48 -34.22 -22.47
CA ALA A 18 2.74 -32.98 -22.37
C ALA A 18 1.61 -33.13 -21.36
N ARG A 19 0.66 -34.03 -21.67
CA ARG A 19 -0.48 -34.28 -20.80
C ARG A 19 -0.09 -34.60 -19.36
N LEU A 20 1.05 -35.22 -19.18
CA LEU A 20 1.52 -35.57 -17.84
C LEU A 20 2.00 -34.32 -17.11
N ILE A 21 2.85 -33.54 -17.76
CA ILE A 21 3.39 -32.31 -17.19
C ILE A 21 2.25 -31.34 -16.84
N TYR A 22 1.21 -31.36 -17.66
CA TYR A 22 0.05 -30.51 -17.42
C TYR A 22 -0.78 -31.07 -16.27
N LYS A 23 -0.92 -32.40 -16.21
CA LYS A 23 -1.68 -33.01 -15.14
C LYS A 23 -1.03 -32.71 -13.80
N GLY A 25 0.18 -30.24 -12.36
CA GLY A 25 -0.41 -29.11 -11.65
C GLY A 25 -0.72 -27.91 -12.52
N TYR A 26 -1.24 -28.17 -13.71
CA TYR A 26 -1.59 -27.09 -14.64
C TYR A 26 -0.39 -26.23 -15.03
N TYR A 27 0.60 -26.87 -15.66
CA TYR A 27 1.79 -26.17 -16.12
C TYR A 27 1.66 -25.99 -17.63
N GLY A 28 2.20 -24.90 -18.14
CA GLY A 28 2.17 -24.65 -19.56
C GLY A 28 0.80 -24.52 -20.19
N LYS A 29 0.80 -24.17 -21.47
CA LYS A 29 -0.41 -23.99 -22.24
C LYS A 29 -0.28 -24.72 -23.58
N PRO A 30 -1.30 -25.50 -23.95
CA PRO A 30 -1.22 -26.22 -25.23
C PRO A 30 -1.52 -25.25 -26.38
N ILE A 31 -1.09 -25.56 -27.59
CA ILE A 31 -1.38 -24.66 -28.70
C ILE A 31 -2.70 -25.08 -29.33
N GLY A 32 -3.78 -24.96 -28.57
CA GLY A 32 -5.09 -25.34 -29.08
C GLY A 32 -5.91 -24.15 -29.52
N SER A 44 -1.15 -32.20 -29.13
CA SER A 44 -0.82 -30.78 -29.11
C SER A 44 0.46 -30.59 -28.31
N GLU A 45 1.34 -29.71 -28.77
CA GLU A 45 2.55 -29.50 -28.01
C GLU A 45 2.33 -28.53 -26.87
N LEU A 46 2.82 -28.92 -25.69
CA LEU A 46 2.71 -28.12 -24.49
C LEU A 46 3.81 -27.08 -24.51
N ILE A 47 3.46 -25.82 -24.28
CA ILE A 47 4.46 -24.77 -24.27
C ILE A 47 4.69 -24.20 -22.88
N LEU A 48 5.92 -24.34 -22.39
CA LEU A 48 6.30 -23.86 -21.08
C LEU A 48 7.19 -22.64 -21.17
N SER A 49 7.02 -21.71 -20.25
CA SER A 49 7.83 -20.50 -20.23
C SER A 49 9.09 -20.85 -19.47
N LEU A 50 10.14 -20.06 -19.65
CA LEU A 50 11.38 -20.33 -18.94
C LEU A 50 11.16 -20.43 -17.44
N ILE A 51 10.30 -19.56 -16.91
CA ILE A 51 10.01 -19.58 -15.48
C ILE A 51 9.48 -20.94 -15.05
N GLU A 52 8.54 -21.49 -15.82
CA GLU A 52 7.97 -22.79 -15.51
C GLU A 52 9.00 -23.88 -15.72
N GLY A 53 9.70 -23.82 -16.85
CA GLY A 53 10.71 -24.81 -17.17
C GLY A 53 11.82 -24.91 -16.16
N VAL A 54 12.33 -23.75 -15.74
CA VAL A 54 13.40 -23.70 -14.75
C VAL A 54 12.91 -24.31 -13.45
N TYR A 55 11.65 -24.05 -13.10
CA TYR A 55 11.07 -24.60 -11.88
C TYR A 55 11.02 -26.12 -11.96
N LEU A 56 10.38 -26.64 -13.00
CA LEU A 56 10.25 -28.08 -13.19
C LEU A 56 11.60 -28.79 -13.21
N VAL A 57 12.60 -28.17 -13.84
CA VAL A 57 13.91 -28.77 -13.89
C VAL A 57 14.41 -28.90 -12.47
N LYS A 58 14.38 -27.79 -11.73
CA LYS A 58 14.83 -27.80 -10.35
C LYS A 58 14.05 -28.83 -9.53
N LYS A 59 12.80 -29.10 -9.92
CA LYS A 59 11.98 -30.08 -9.19
C LYS A 59 12.28 -31.50 -9.65
N GLY A 60 13.20 -31.63 -10.60
CA GLY A 60 13.57 -32.94 -11.11
C GLY A 60 12.49 -33.60 -11.93
N LYS A 61 11.42 -32.86 -12.20
CA LYS A 61 10.31 -33.40 -12.98
C LYS A 61 10.48 -33.14 -14.46
N LEU A 62 11.62 -32.59 -14.86
CA LEU A 62 11.82 -32.27 -16.27
C LEU A 62 13.27 -32.06 -16.69
N GLU A 63 13.61 -32.56 -17.87
CA GLU A 63 14.95 -32.41 -18.43
C GLU A 63 14.82 -31.48 -19.62
N ILE A 64 15.81 -30.63 -19.83
CA ILE A 64 15.73 -29.72 -20.95
C ILE A 64 16.94 -29.78 -21.87
N VAL A 65 16.67 -29.70 -23.17
CA VAL A 65 17.70 -29.77 -24.19
C VAL A 65 17.59 -28.63 -25.19
N SER A 66 18.74 -28.17 -25.67
CA SER A 66 18.78 -27.10 -26.65
C SER A 66 19.66 -27.57 -27.79
N ASN A 67 19.04 -28.24 -28.77
CA ASN A 67 19.76 -28.77 -29.92
C ASN A 67 21.00 -29.52 -29.47
N GLY A 68 20.78 -30.68 -28.89
CA GLY A 68 21.89 -31.50 -28.43
C GLY A 68 22.36 -31.17 -27.02
N GLU A 69 22.65 -29.91 -26.76
CA GLU A 69 23.12 -29.52 -25.43
C GLU A 69 22.07 -29.77 -24.35
N ARG A 70 22.53 -30.29 -23.22
CA ARG A 70 21.69 -30.60 -22.09
C ARG A 70 21.86 -29.44 -21.10
N LEU A 71 20.84 -28.60 -20.98
CA LEU A 71 20.88 -27.45 -20.09
C LEU A 71 20.37 -27.79 -18.70
N ASP A 72 21.21 -27.61 -17.69
CA ASP A 72 20.79 -27.88 -16.32
C ASP A 72 20.24 -26.60 -15.70
N PHE A 73 19.88 -26.67 -14.43
CA PHE A 73 19.31 -25.52 -13.71
C PHE A 73 20.15 -24.24 -13.78
N GLU A 74 21.43 -24.35 -13.46
CA GLU A 74 22.33 -23.20 -13.48
C GLU A 74 22.32 -22.50 -14.83
N ARG A 75 22.39 -23.28 -15.90
CA ARG A 75 22.40 -22.72 -17.25
C ARG A 75 21.04 -22.17 -17.66
N LEU A 76 19.98 -22.90 -17.37
CA LEU A 76 18.64 -22.45 -17.70
C LEU A 76 18.32 -21.17 -16.94
N TYR A 77 18.63 -21.15 -15.65
CA TYR A 77 18.37 -19.96 -14.86
C TYR A 77 19.08 -18.79 -15.53
N GLN A 78 20.37 -18.96 -15.82
CA GLN A 78 21.14 -17.90 -16.45
C GLN A 78 20.49 -17.43 -17.76
N ILE A 79 19.96 -18.36 -18.53
CA ILE A 79 19.32 -18.00 -19.79
C ILE A 79 18.08 -17.16 -19.51
N GLY A 80 17.37 -17.51 -18.44
CA GLY A 80 16.20 -16.75 -18.06
C GLY A 80 16.59 -15.31 -17.78
N VAL A 81 17.67 -15.13 -17.04
CA VAL A 81 18.16 -13.79 -16.72
C VAL A 81 18.41 -12.99 -17.97
N THR A 82 19.03 -13.62 -18.96
CA THR A 82 19.35 -12.96 -20.23
C THR A 82 18.14 -12.68 -21.11
N GLN A 83 17.29 -13.69 -21.26
CA GLN A 83 16.11 -13.58 -22.11
C GLN A 83 14.91 -12.82 -21.53
N ILE A 84 14.53 -13.16 -20.31
CA ILE A 84 13.37 -12.58 -19.64
C ILE A 84 13.61 -11.42 -18.68
N PRO A 85 13.00 -10.25 -18.95
CA PRO A 85 13.17 -9.09 -18.08
C PRO A 85 12.52 -9.38 -16.71
N ARG A 86 13.18 -9.01 -15.64
CA ARG A 86 12.66 -9.23 -14.28
C ARG A 86 12.61 -10.71 -13.93
N PHE A 87 13.39 -11.51 -14.66
CA PHE A 87 13.40 -12.95 -14.42
C PHE A 87 13.69 -13.30 -12.97
N ARG A 88 14.69 -12.67 -12.37
CA ARG A 88 15.02 -12.98 -10.98
C ARG A 88 13.86 -12.79 -10.02
N ILE A 89 13.21 -11.62 -10.06
CA ILE A 89 12.10 -11.41 -9.15
C ILE A 89 10.87 -12.23 -9.53
N LEU A 90 10.66 -12.44 -10.83
CA LEU A 90 9.52 -13.24 -11.30
C LEU A 90 9.66 -14.73 -10.93
N TYR A 91 10.86 -15.29 -11.06
CA TYR A 91 11.07 -16.67 -10.70
C TYR A 91 11.00 -16.84 -9.19
N SER A 92 11.47 -15.83 -8.46
CA SER A 92 11.44 -15.90 -7.00
C SER A 92 10.01 -16.03 -6.50
N VAL A 93 9.10 -15.24 -7.05
CA VAL A 93 7.71 -15.31 -6.62
C VAL A 93 7.07 -16.57 -7.17
N TYR A 94 7.37 -16.90 -8.43
CA TYR A 94 6.79 -18.08 -9.03
C TYR A 94 7.07 -19.30 -8.16
N GLU A 95 8.36 -19.51 -7.92
CA GLU A 95 8.85 -20.61 -7.12
C GLU A 95 8.27 -20.64 -5.70
N ASP A 96 8.40 -19.52 -5.00
CA ASP A 96 7.91 -19.42 -3.63
C ASP A 96 6.43 -19.78 -3.57
N LEU A 97 5.65 -19.21 -4.47
CA LEU A 97 4.22 -19.48 -4.47
C LEU A 97 3.95 -20.92 -4.87
N ARG A 98 4.69 -21.39 -5.86
CA ARG A 98 4.51 -22.76 -6.31
C ARG A 98 4.90 -23.73 -5.19
N GLU A 99 6.03 -23.43 -4.55
CA GLU A 99 6.53 -24.26 -3.47
C GLU A 99 5.55 -24.31 -2.32
N LYS A 100 4.73 -23.27 -2.19
CA LYS A 100 3.74 -23.19 -1.13
C LYS A 100 2.46 -23.91 -1.50
N GLY A 101 2.45 -24.51 -2.69
CA GLY A 101 1.28 -25.25 -3.10
C GLY A 101 0.23 -24.57 -3.97
N TYR A 102 0.43 -23.29 -4.27
CA TYR A 102 -0.54 -22.62 -5.12
C TYR A 102 -0.30 -23.04 -6.56
N VAL A 103 -1.32 -22.89 -7.40
CA VAL A 103 -1.19 -23.19 -8.82
C VAL A 103 -1.01 -21.81 -9.42
N VAL A 104 0.17 -21.57 -10.00
CA VAL A 104 0.51 -20.27 -10.56
C VAL A 104 0.43 -20.21 -12.08
N ARG A 105 -0.39 -19.30 -12.59
CA ARG A 105 -0.54 -19.13 -14.02
C ARG A 105 -0.15 -17.71 -14.40
N SER A 106 -0.13 -17.44 -15.70
CA SER A 106 0.20 -16.10 -16.18
C SER A 106 -0.93 -15.20 -15.72
N GLY A 107 -0.59 -13.95 -15.41
CA GLY A 107 -1.60 -13.02 -14.96
C GLY A 107 -1.70 -11.82 -15.88
N ILE A 108 -1.11 -11.93 -17.05
CA ILE A 108 -1.12 -10.82 -18.00
C ILE A 108 -2.51 -10.42 -18.52
N LYS A 109 -3.36 -11.40 -18.80
CA LYS A 109 -4.71 -11.10 -19.25
C LYS A 109 -5.34 -10.11 -18.27
N TYR A 110 -4.95 -10.22 -17.00
CA TYR A 110 -5.49 -9.36 -15.96
C TYR A 110 -4.59 -8.18 -15.62
N GLY A 111 -3.51 -8.03 -16.37
CA GLY A 111 -2.61 -6.93 -16.11
C GLY A 111 -1.79 -7.12 -14.85
N ALA A 112 -1.22 -8.30 -14.71
CA ALA A 112 -0.40 -8.64 -13.56
C ALA A 112 0.57 -9.71 -14.01
N ASP A 113 1.51 -10.08 -13.13
CA ASP A 113 2.47 -11.11 -13.47
C ASP A 113 1.87 -12.51 -13.35
N PHE A 114 1.21 -12.78 -12.24
CA PHE A 114 0.64 -14.10 -12.04
C PHE A 114 -0.82 -14.11 -11.64
N ALA A 115 -1.46 -15.25 -11.87
CA ALA A 115 -2.84 -15.51 -11.50
C ALA A 115 -2.70 -16.72 -10.60
N VAL A 116 -2.65 -16.50 -9.29
CA VAL A 116 -2.49 -17.57 -8.34
C VAL A 116 -3.82 -18.19 -7.92
N TYR A 117 -3.85 -19.52 -7.93
CA TYR A 117 -5.03 -20.28 -7.55
C TYR A 117 -4.76 -21.10 -6.30
N THR A 118 -5.54 -20.84 -5.27
CA THR A 118 -5.41 -21.53 -4.00
C THR A 118 -6.18 -22.84 -4.08
N ILE A 119 -5.61 -23.88 -3.48
CA ILE A 119 -6.26 -25.17 -3.44
C ILE A 119 -6.63 -25.38 -1.98
N GLY A 120 -6.77 -24.24 -1.29
CA GLY A 120 -7.13 -24.23 0.10
C GLY A 120 -8.48 -23.54 0.21
N PRO A 121 -8.85 -23.01 1.38
CA PRO A 121 -10.13 -22.33 1.59
C PRO A 121 -10.51 -21.42 0.42
N PRO A 127 -9.05 -16.20 -8.63
CA PRO A 127 -7.62 -15.95 -8.89
C PRO A 127 -7.10 -14.70 -8.22
N TYR A 128 -6.01 -14.85 -7.46
CA TYR A 128 -5.39 -13.69 -6.84
C TYR A 128 -4.37 -13.21 -7.85
N LEU A 129 -4.33 -11.90 -8.07
CA LEU A 129 -3.40 -11.31 -9.02
C LEU A 129 -2.17 -10.81 -8.30
N VAL A 130 -1.00 -11.24 -8.74
CA VAL A 130 0.24 -10.83 -8.11
C VAL A 130 1.19 -10.14 -9.08
N ILE A 131 1.86 -9.12 -8.58
CA ILE A 131 2.83 -8.38 -9.36
C ILE A 131 4.12 -8.44 -8.57
N ALA A 132 5.14 -9.08 -9.15
CA ALA A 132 6.43 -9.22 -8.49
C ALA A 132 7.22 -7.93 -8.57
N LEU A 133 7.91 -7.61 -7.48
CA LEU A 133 8.71 -6.39 -7.42
C LEU A 133 10.03 -6.56 -6.69
N ASP A 134 10.97 -5.72 -7.06
CA ASP A 134 12.30 -5.71 -6.48
C ASP A 134 12.37 -4.64 -5.41
N GLU A 135 13.16 -4.90 -4.38
CA GLU A 135 13.36 -3.98 -3.26
C GLU A 135 13.75 -2.56 -3.66
N ASN A 136 14.28 -2.39 -4.88
CA ASN A 136 14.68 -1.07 -5.37
C ASN A 136 13.63 -0.46 -6.29
N SER A 137 12.56 -1.20 -6.53
CA SER A 137 11.48 -0.74 -7.38
C SER A 137 10.81 0.55 -6.86
N GLN A 138 10.15 1.27 -7.77
CA GLN A 138 9.46 2.50 -7.42
C GLN A 138 8.15 2.55 -8.19
N ILE A 139 7.05 2.33 -7.50
CA ILE A 139 5.74 2.36 -8.11
C ILE A 139 4.94 3.57 -7.59
N SER A 140 4.23 4.22 -8.49
CA SER A 140 3.45 5.38 -8.10
C SER A 140 2.15 4.95 -7.47
N SER A 141 1.59 5.82 -6.66
CA SER A 141 0.34 5.52 -5.97
C SER A 141 -0.78 5.25 -6.98
N ASN A 142 -0.72 5.94 -8.13
CA ASN A 142 -1.74 5.76 -9.15
C ASN A 142 -1.36 4.69 -10.17
N GLU A 143 -0.19 4.08 -9.99
CA GLU A 143 0.23 2.99 -10.86
C GLU A 143 -0.40 1.77 -10.20
N ILE A 144 -0.39 1.81 -8.87
CA ILE A 144 -0.97 0.77 -8.04
C ILE A 144 -2.47 0.67 -8.32
N LEU A 145 -3.28 1.43 -7.58
CA LEU A 145 -4.73 1.41 -7.78
C LEU A 145 -4.97 1.60 -9.26
N GLY A 146 -3.98 2.17 -9.94
CA GLY A 146 -4.07 2.40 -11.37
C GLY A 146 -4.59 1.17 -12.07
N PHE A 147 -3.70 0.26 -12.44
CA PHE A 147 -4.17 -0.96 -13.11
C PHE A 147 -3.64 -2.31 -12.63
N GLY A 148 -4.54 -3.27 -12.73
CA GLY A 148 -4.33 -4.66 -12.36
C GLY A 148 -5.77 -5.12 -12.53
N ARG A 149 -6.59 -4.77 -11.54
CA ARG A 149 -8.03 -5.08 -11.52
C ARG A 149 -8.62 -4.13 -10.49
N VAL A 150 -7.74 -3.37 -9.85
CA VAL A 150 -8.13 -2.38 -8.85
C VAL A 150 -8.82 -1.29 -9.66
N SER A 151 -9.92 -0.76 -9.14
CA SER A 151 -10.69 0.28 -9.83
C SER A 151 -10.96 -0.09 -11.28
N LYS A 156 -11.37 -4.84 -7.12
CA LYS A 156 -10.90 -6.03 -6.42
C LYS A 156 -9.48 -5.86 -5.88
N GLU A 157 -8.81 -6.98 -5.60
CA GLU A 157 -7.47 -6.96 -5.03
C GLU A 157 -6.30 -7.17 -5.99
N LEU A 158 -5.11 -6.78 -5.52
CA LEU A 158 -3.87 -6.94 -6.27
C LEU A 158 -2.78 -7.21 -5.22
N ILE A 159 -2.11 -8.36 -5.27
CA ILE A 159 -1.05 -8.68 -4.31
C ILE A 159 0.34 -8.30 -4.82
N LEU A 160 1.08 -7.58 -4.00
CA LEU A 160 2.44 -7.13 -4.31
C LEU A 160 3.47 -8.12 -3.83
N GLY A 161 4.33 -8.60 -4.74
CA GLY A 161 5.36 -9.54 -4.35
C GLY A 161 6.69 -8.84 -4.23
N ILE A 162 7.02 -8.36 -3.03
CA ILE A 162 8.26 -7.60 -2.83
C ILE A 162 9.45 -8.50 -2.51
N VAL A 163 10.38 -8.54 -3.45
CA VAL A 163 11.58 -9.37 -3.38
C VAL A 163 12.87 -8.68 -2.99
N ASN A 164 13.63 -9.34 -2.12
CA ASN A 164 14.92 -8.82 -1.71
C ASN A 164 15.91 -9.63 -2.55
N LEU A 165 16.58 -8.96 -3.49
CA LEU A 165 17.51 -9.69 -4.33
C LEU A 165 18.74 -10.21 -3.59
N THR A 166 18.96 -9.72 -2.39
CA THR A 166 20.11 -10.17 -1.62
C THR A 166 19.85 -11.52 -0.95
N ASN A 167 18.97 -11.55 0.06
CA ASN A 167 18.67 -12.79 0.76
C ASN A 167 17.65 -13.67 0.04
N GLY A 168 17.01 -13.11 -0.98
CA GLY A 168 16.01 -13.87 -1.71
C GLY A 168 14.68 -14.03 -0.99
N LYS A 169 14.53 -13.37 0.15
CA LYS A 169 13.29 -13.45 0.91
C LYS A 169 12.20 -12.63 0.23
N ILE A 170 10.94 -12.98 0.47
CA ILE A 170 9.81 -12.29 -0.16
C ILE A 170 8.71 -11.84 0.83
N ARG A 171 8.27 -10.60 0.68
CA ARG A 171 7.23 -10.05 1.52
C ARG A 171 6.02 -9.79 0.65
N TYR A 172 4.90 -10.43 0.99
CA TYR A 172 3.69 -10.25 0.22
C TYR A 172 2.76 -9.28 0.90
N ILE A 173 2.34 -8.26 0.18
CA ILE A 173 1.42 -7.27 0.74
C ILE A 173 0.28 -7.06 -0.25
N PHE A 175 -3.46 -5.26 -1.29
CA PHE A 175 -4.23 -4.06 -1.04
C PHE A 175 -5.50 -3.97 -1.88
N LYS A 176 -6.52 -3.39 -1.28
CA LYS A 176 -7.82 -3.22 -1.92
C LYS A 176 -8.18 -1.76 -2.06
N TRP A 177 -8.95 -1.46 -3.10
CA TRP A 177 -9.42 -0.10 -3.32
C TRP A 177 -10.60 0.05 -2.36
N LEU A 178 -10.44 0.91 -1.35
CA LEU A 178 -11.48 1.13 -0.34
C LEU A 178 -12.47 2.22 -0.71
N LYS A 179 -13.64 2.15 -0.08
CA LYS A 179 -14.69 3.13 -0.28
C LYS A 179 -15.08 3.69 1.09
N ILE B 2 -11.52 31.96 19.76
CA ILE B 2 -10.42 32.68 19.15
C ILE B 2 -9.11 31.97 19.49
N GLY B 3 -8.25 31.83 18.50
CA GLY B 3 -6.98 31.17 18.70
C GLY B 3 -5.84 31.96 18.11
N GLU B 4 -4.67 31.82 18.74
CA GLU B 4 -3.47 32.53 18.29
C GLU B 4 -2.58 31.63 17.45
N LEU B 5 -2.08 32.18 16.35
CA LEU B 5 -1.16 31.44 15.52
C LEU B 5 0.21 31.71 16.12
N VAL B 6 0.94 30.65 16.40
CA VAL B 6 2.28 30.77 16.95
C VAL B 6 3.14 29.74 16.23
N LYS B 7 3.77 30.19 15.15
CA LYS B 7 4.63 29.35 14.33
C LYS B 7 3.81 28.46 13.39
N ASP B 8 3.87 27.16 13.64
CA ASP B 8 3.15 26.17 12.84
C ASP B 8 1.97 25.58 13.61
N LYS B 9 1.67 26.16 14.76
CA LYS B 9 0.56 25.70 15.59
C LYS B 9 -0.36 26.82 16.05
N ILE B 10 -1.52 26.45 16.59
CA ILE B 10 -2.49 27.41 17.07
C ILE B 10 -2.81 27.22 18.55
N LEU B 11 -2.59 28.27 19.32
CA LEU B 11 -2.80 28.26 20.75
C LEU B 11 -4.19 28.70 21.18
N ILE B 12 -4.81 27.95 22.08
CA ILE B 12 -6.13 28.31 22.61
C ILE B 12 -5.87 28.60 24.09
N LYS B 13 -5.72 29.88 24.41
CA LYS B 13 -5.42 30.31 25.79
C LYS B 13 -6.58 30.26 26.78
N ASN B 14 -7.80 30.49 26.32
CA ASN B 14 -8.96 30.44 27.20
C ASN B 14 -9.38 28.98 27.47
N ILE B 15 -9.43 28.58 28.74
CA ILE B 15 -9.80 27.21 29.09
C ILE B 15 -11.25 26.82 28.75
N GLU B 16 -12.18 27.75 28.84
CA GLU B 16 -13.57 27.45 28.48
C GLU B 16 -13.58 27.14 26.99
N ASP B 17 -13.05 28.07 26.22
CA ASP B 17 -12.98 27.93 24.76
C ASP B 17 -12.28 26.62 24.43
N ALA B 18 -11.19 26.36 25.13
CA ALA B 18 -10.43 25.13 24.96
C ALA B 18 -11.33 23.92 25.16
N ARG B 19 -11.87 23.77 26.36
CA ARG B 19 -12.76 22.64 26.67
C ARG B 19 -13.92 22.49 25.70
N LEU B 20 -14.39 23.60 25.14
CA LEU B 20 -15.50 23.56 24.19
C LEU B 20 -15.03 23.00 22.84
N ILE B 21 -13.95 23.57 22.33
CA ILE B 21 -13.37 23.15 21.06
C ILE B 21 -13.02 21.65 21.12
N TYR B 22 -12.60 21.20 22.29
CA TYR B 22 -12.23 19.80 22.46
C TYR B 22 -13.48 18.95 22.55
N LYS B 23 -14.49 19.46 23.22
CA LYS B 23 -15.75 18.72 23.35
C LYS B 23 -16.36 18.51 21.97
N GLY B 25 -15.40 17.64 19.18
CA GLY B 25 -15.11 16.36 18.57
C GLY B 25 -13.67 15.91 18.74
N TYR B 26 -13.11 16.12 19.92
CA TYR B 26 -11.73 15.72 20.18
C TYR B 26 -10.72 16.39 19.25
N TYR B 27 -10.67 17.72 19.31
CA TYR B 27 -9.73 18.48 18.51
C TYR B 27 -8.59 18.93 19.42
N GLY B 28 -7.39 19.05 18.86
CA GLY B 28 -6.24 19.49 19.62
C GLY B 28 -5.86 18.63 20.81
N LYS B 29 -4.75 19.02 21.45
CA LYS B 29 -4.22 18.32 22.61
C LYS B 29 -3.86 19.34 23.69
N PRO B 30 -4.28 19.09 24.94
CA PRO B 30 -3.95 20.03 26.00
C PRO B 30 -2.47 19.87 26.37
N ILE B 31 -1.87 20.97 26.79
CA ILE B 31 -0.46 21.00 27.18
C ILE B 31 -0.21 20.26 28.50
N GLY B 32 0.68 19.27 28.47
CA GLY B 32 0.98 18.54 29.70
C GLY B 32 0.27 17.19 29.83
N ILE B 33 -0.92 17.08 29.25
CA ILE B 33 -1.68 15.83 29.28
C ILE B 33 -1.48 15.19 27.91
N SER B 34 -1.64 13.87 27.84
CA SER B 34 -1.49 13.21 26.54
C SER B 34 -2.83 13.20 25.83
N LYS B 35 -3.80 12.53 26.41
CA LYS B 35 -5.12 12.46 25.82
C LYS B 35 -6.19 12.34 26.90
N PRO B 36 -6.89 13.45 27.16
CA PRO B 36 -7.97 13.59 28.16
C PRO B 36 -9.18 12.70 27.86
N LYS B 37 -9.65 11.98 28.87
CA LYS B 37 -10.82 11.14 28.69
C LYS B 37 -11.95 12.08 28.28
N SER B 38 -12.15 13.12 29.07
CA SER B 38 -13.18 14.13 28.82
C SER B 38 -12.56 15.53 28.82
N ALA B 39 -13.29 16.50 28.26
CA ALA B 39 -12.80 17.87 28.24
C ALA B 39 -12.81 18.40 29.67
N GLU B 40 -13.49 17.64 30.51
CA GLU B 40 -13.65 17.95 31.91
C GLU B 40 -12.30 17.98 32.63
N GLU B 41 -11.36 17.14 32.19
CA GLU B 41 -10.05 17.10 32.84
C GLU B 41 -8.99 17.98 32.17
N ILE B 42 -9.41 18.93 31.35
CA ILE B 42 -8.49 19.84 30.66
C ILE B 42 -8.36 21.13 31.46
N ASN B 43 -7.13 21.49 31.82
CA ASN B 43 -6.88 22.71 32.59
C ASN B 43 -5.76 23.51 32.00
N SER B 44 -5.23 23.05 30.88
CA SER B 44 -4.14 23.76 30.24
C SER B 44 -4.57 24.13 28.83
N GLU B 45 -3.97 25.18 28.29
CA GLU B 45 -4.26 25.67 26.95
C GLU B 45 -4.35 24.55 25.93
N LEU B 46 -5.37 24.63 25.09
CA LEU B 46 -5.59 23.64 24.05
C LEU B 46 -4.67 23.97 22.89
N ILE B 47 -3.95 22.98 22.39
CA ILE B 47 -3.07 23.21 21.25
C ILE B 47 -3.56 22.53 19.99
N LEU B 48 -3.84 23.33 18.97
CA LEU B 48 -4.33 22.82 17.70
C LEU B 48 -3.27 22.93 16.63
N SER B 49 -3.22 21.92 15.76
CA SER B 49 -2.27 21.91 14.66
C SER B 49 -2.88 22.74 13.54
N LEU B 50 -2.06 23.22 12.61
CA LEU B 50 -2.59 24.01 11.50
C LEU B 50 -3.69 23.25 10.75
N ILE B 51 -3.51 21.95 10.58
CA ILE B 51 -4.52 21.14 9.89
C ILE B 51 -5.86 21.24 10.60
N GLU B 52 -5.85 21.12 11.93
CA GLU B 52 -7.07 21.22 12.71
C GLU B 52 -7.63 22.66 12.69
N GLY B 53 -6.74 23.63 12.92
CA GLY B 53 -7.16 25.02 12.91
C GLY B 53 -7.78 25.47 11.60
N VAL B 54 -7.14 25.11 10.50
CA VAL B 54 -7.64 25.49 9.19
C VAL B 54 -9.01 24.86 8.98
N TYR B 55 -9.20 23.63 9.45
CA TYR B 55 -10.49 22.96 9.31
C TYR B 55 -11.56 23.71 10.09
N LEU B 56 -11.31 23.93 11.38
CA LEU B 56 -12.25 24.64 12.25
C LEU B 56 -12.60 26.03 11.73
N VAL B 57 -11.61 26.73 11.20
CA VAL B 57 -11.87 28.05 10.66
C VAL B 57 -12.88 27.90 9.52
N LYS B 58 -12.57 27.01 8.58
CA LYS B 58 -13.44 26.76 7.45
C LYS B 58 -14.83 26.35 7.91
N LYS B 59 -14.92 25.71 9.06
CA LYS B 59 -16.20 25.27 9.60
C LYS B 59 -16.91 26.40 10.34
N GLY B 60 -16.27 27.56 10.39
CA GLY B 60 -16.84 28.71 11.07
C GLY B 60 -16.90 28.56 12.56
N LYS B 61 -16.30 27.48 13.08
CA LYS B 61 -16.29 27.25 14.51
C LYS B 61 -15.09 27.87 15.21
N LEU B 62 -14.28 28.61 14.47
CA LEU B 62 -13.08 29.21 15.05
C LEU B 62 -12.47 30.37 14.27
N GLU B 63 -12.03 31.38 15.01
CA GLU B 63 -11.39 32.55 14.42
C GLU B 63 -9.93 32.48 14.82
N ILE B 64 -9.04 32.88 13.93
CA ILE B 64 -7.63 32.84 14.25
C ILE B 64 -6.93 34.17 14.06
N VAL B 65 -6.02 34.47 14.99
CA VAL B 65 -5.28 35.72 14.98
C VAL B 65 -3.79 35.49 15.15
N SER B 66 -3.00 36.31 14.48
CA SER B 66 -1.55 36.23 14.58
C SER B 66 -1.03 37.61 14.93
N ASN B 67 -0.92 37.88 16.24
CA ASN B 67 -0.46 39.17 16.73
C ASN B 67 -1.17 40.30 15.99
N GLY B 68 -2.45 40.49 16.32
CA GLY B 68 -3.21 41.55 15.69
C GLY B 68 -3.86 41.15 14.40
N GLU B 69 -3.08 40.60 13.46
CA GLU B 69 -3.62 40.21 12.17
C GLU B 69 -4.65 39.09 12.29
N ARG B 70 -5.74 39.24 11.54
CA ARG B 70 -6.81 38.27 11.53
C ARG B 70 -6.62 37.42 10.28
N LEU B 71 -6.20 36.17 10.48
CA LEU B 71 -5.94 35.25 9.37
C LEU B 71 -7.18 34.45 9.00
N ASP B 72 -7.62 34.57 7.75
CA ASP B 72 -8.79 33.81 7.31
C ASP B 72 -8.34 32.50 6.70
N PHE B 73 -9.29 31.73 6.19
CA PHE B 73 -8.99 30.43 5.59
C PHE B 73 -7.90 30.44 4.50
N GLU B 74 -8.03 31.34 3.52
CA GLU B 74 -7.08 31.45 2.42
C GLU B 74 -5.67 31.67 2.95
N ARG B 75 -5.53 32.56 3.92
CA ARG B 75 -4.21 32.85 4.49
C ARG B 75 -3.67 31.71 5.34
N LEU B 76 -4.53 31.15 6.18
CA LEU B 76 -4.12 30.06 7.04
C LEU B 76 -3.72 28.87 6.20
N TYR B 77 -4.54 28.54 5.21
CA TYR B 77 -4.21 27.41 4.34
C TYR B 77 -2.83 27.64 3.73
N GLN B 78 -2.62 28.82 3.19
CA GLN B 78 -1.33 29.14 2.58
C GLN B 78 -0.19 28.97 3.59
N ILE B 79 -0.42 29.37 4.83
CA ILE B 79 0.61 29.22 5.86
C ILE B 79 0.91 27.74 6.07
N GLY B 80 -0.15 26.92 6.06
CA GLY B 80 0.02 25.49 6.23
C GLY B 80 0.94 24.96 5.14
N VAL B 81 0.70 25.38 3.91
CA VAL B 81 1.51 24.94 2.78
C VAL B 81 2.97 25.25 3.02
N THR B 82 3.24 26.46 3.50
CA THR B 82 4.61 26.90 3.78
C THR B 82 5.27 26.20 4.99
N GLN B 83 4.54 26.14 6.09
CA GLN B 83 5.04 25.53 7.33
C GLN B 83 5.06 24.00 7.39
N ILE B 84 3.94 23.38 7.03
CA ILE B 84 3.80 21.93 7.09
C ILE B 84 4.04 21.13 5.81
N PRO B 85 5.00 20.19 5.84
CA PRO B 85 5.30 19.37 4.66
C PRO B 85 4.11 18.45 4.39
N ARG B 86 3.73 18.31 3.12
CA ARG B 86 2.60 17.46 2.75
C ARG B 86 1.26 18.03 3.25
N PHE B 87 1.26 19.33 3.56
CA PHE B 87 0.05 19.97 4.05
C PHE B 87 -1.15 19.75 3.15
N ARG B 88 -0.97 19.93 1.84
CA ARG B 88 -2.09 19.75 0.91
C ARG B 88 -2.72 18.37 0.98
N ILE B 89 -1.91 17.32 0.91
CA ILE B 89 -2.50 15.99 0.94
C ILE B 89 -3.00 15.64 2.32
N LEU B 90 -2.32 16.15 3.34
CA LEU B 90 -2.72 15.89 4.73
C LEU B 90 -4.03 16.56 5.09
N TYR B 91 -4.22 17.80 4.65
CA TYR B 91 -5.45 18.50 4.95
C TYR B 91 -6.60 17.89 4.14
N SER B 92 -6.29 17.44 2.93
CA SER B 92 -7.32 16.84 2.09
C SER B 92 -7.91 15.61 2.74
N VAL B 93 -7.07 14.74 3.31
CA VAL B 93 -7.58 13.54 3.97
C VAL B 93 -8.20 13.93 5.31
N TYR B 94 -7.56 14.83 6.06
CA TYR B 94 -8.11 15.23 7.33
C TYR B 94 -9.54 15.71 7.15
N GLU B 95 -9.70 16.69 6.28
CA GLU B 95 -10.99 17.28 5.98
C GLU B 95 -12.02 16.26 5.51
N ASP B 96 -11.66 15.51 4.47
CA ASP B 96 -12.55 14.51 3.90
C ASP B 96 -13.03 13.54 4.96
N LEU B 97 -12.11 13.04 5.77
CA LEU B 97 -12.47 12.11 6.80
C LEU B 97 -13.29 12.78 7.87
N ARG B 98 -12.90 14.00 8.23
CA ARG B 98 -13.62 14.73 9.26
C ARG B 98 -15.03 15.05 8.75
N GLU B 99 -15.11 15.48 7.50
CA GLU B 99 -16.39 15.83 6.88
C GLU B 99 -17.32 14.63 6.82
N LYS B 100 -16.74 13.44 6.78
CA LYS B 100 -17.51 12.20 6.73
C LYS B 100 -17.95 11.75 8.12
N GLY B 101 -17.59 12.53 9.14
CA GLY B 101 -18.00 12.19 10.49
C GLY B 101 -17.05 11.42 11.37
N TYR B 102 -15.87 11.05 10.88
CA TYR B 102 -14.93 10.33 11.71
C TYR B 102 -14.25 11.34 12.64
N VAL B 103 -13.69 10.84 13.73
CA VAL B 103 -12.94 11.69 14.65
C VAL B 103 -11.50 11.37 14.26
N VAL B 104 -10.80 12.39 13.78
CA VAL B 104 -9.42 12.24 13.31
C VAL B 104 -8.38 12.78 14.26
N ARG B 105 -7.47 11.91 14.68
CA ARG B 105 -6.40 12.30 15.59
C ARG B 105 -5.06 12.05 14.90
N SER B 106 -3.99 12.46 15.56
CA SER B 106 -2.64 12.25 15.04
C SER B 106 -2.43 10.75 15.05
N GLY B 107 -1.70 10.24 14.07
CA GLY B 107 -1.44 8.81 14.04
C GLY B 107 0.06 8.52 14.11
N ILE B 108 0.84 9.53 14.49
CA ILE B 108 2.29 9.38 14.59
C ILE B 108 2.76 8.33 15.60
N LYS B 109 2.13 8.29 16.77
CA LYS B 109 2.50 7.29 17.80
C LYS B 109 2.50 5.91 17.14
N TYR B 110 1.63 5.74 16.16
CA TYR B 110 1.50 4.46 15.47
C TYR B 110 2.24 4.42 14.15
N GLY B 111 2.97 5.48 13.83
CA GLY B 111 3.71 5.50 12.58
C GLY B 111 2.82 5.68 11.37
N ALA B 112 1.91 6.64 11.47
CA ALA B 112 0.99 6.96 10.39
C ALA B 112 0.60 8.43 10.54
N ASP B 113 -0.12 8.97 9.57
CA ASP B 113 -0.52 10.35 9.64
C ASP B 113 -1.70 10.55 10.58
N PHE B 114 -2.72 9.71 10.44
CA PHE B 114 -3.89 9.85 11.29
C PHE B 114 -4.35 8.59 11.98
N ALA B 115 -5.09 8.79 13.07
CA ALA B 115 -5.69 7.71 13.84
C ALA B 115 -7.18 8.04 13.76
N VAL B 116 -7.88 7.41 12.82
CA VAL B 116 -9.29 7.67 12.61
C VAL B 116 -10.20 6.80 13.49
N TYR B 117 -11.19 7.43 14.12
CA TYR B 117 -12.14 6.76 15.00
C TYR B 117 -13.61 6.93 14.61
N THR B 118 -14.41 5.89 14.85
CA THR B 118 -15.86 5.97 14.62
C THR B 118 -16.45 6.04 16.03
N ILE B 119 -17.13 7.13 16.35
CA ILE B 119 -17.71 7.28 17.68
C ILE B 119 -19.16 7.76 17.63
N GLY B 120 -19.84 7.68 18.76
CA GLY B 120 -21.22 8.11 18.83
C GLY B 120 -21.69 8.15 20.27
N PRO B 121 -22.97 8.40 20.50
CA PRO B 121 -23.50 8.45 21.87
C PRO B 121 -23.19 7.14 22.57
N GLY B 122 -22.19 7.17 23.45
CA GLY B 122 -21.80 5.97 24.17
C GLY B 122 -21.29 4.88 23.25
N ILE B 123 -20.41 5.25 22.33
CA ILE B 123 -19.83 4.29 21.38
C ILE B 123 -18.40 4.68 20.98
N GLU B 124 -17.48 3.79 21.29
CA GLU B 124 -16.06 3.97 21.00
C GLU B 124 -15.60 2.78 20.19
N HIS B 125 -14.77 3.01 19.18
CA HIS B 125 -14.27 1.92 18.33
C HIS B 125 -12.74 1.94 18.22
N ALA B 126 -12.18 0.87 17.67
CA ALA B 126 -10.73 0.77 17.48
C ALA B 126 -10.35 1.76 16.39
N PRO B 127 -9.14 2.34 16.49
CA PRO B 127 -8.58 3.33 15.57
C PRO B 127 -8.05 2.81 14.25
N TYR B 128 -8.52 3.41 13.15
CA TYR B 128 -8.04 3.03 11.84
C TYR B 128 -6.86 3.95 11.58
N LEU B 129 -5.76 3.40 11.10
CA LEU B 129 -4.57 4.21 10.82
C LEU B 129 -4.54 4.57 9.35
N VAL B 130 -4.40 5.85 9.06
CA VAL B 130 -4.36 6.31 7.69
C VAL B 130 -3.09 7.06 7.37
N ILE B 131 -2.59 6.84 6.16
CA ILE B 131 -1.40 7.52 5.68
C ILE B 131 -1.80 8.21 4.39
N ALA B 132 -1.75 9.54 4.41
CA ALA B 132 -2.11 10.33 3.24
C ALA B 132 -1.03 10.29 2.18
N LEU B 133 -1.44 10.20 0.91
CA LEU B 133 -0.51 10.15 -0.19
C LEU B 133 -0.96 10.94 -1.40
N ASP B 134 0.02 11.39 -2.16
CA ASP B 134 -0.19 12.15 -3.38
C ASP B 134 -0.23 11.05 -4.45
N GLU B 135 -1.38 10.89 -5.09
CA GLU B 135 -1.57 9.85 -6.09
C GLU B 135 -0.38 9.65 -7.02
N ASN B 136 0.31 10.73 -7.34
CA ASN B 136 1.43 10.66 -8.26
C ASN B 136 2.76 10.33 -7.63
N SER B 137 2.96 10.73 -6.38
CA SER B 137 4.24 10.48 -5.71
C SER B 137 4.69 9.01 -5.80
N GLN B 138 5.89 8.80 -6.33
CA GLN B 138 6.46 7.47 -6.50
C GLN B 138 6.90 6.89 -5.16
N ILE B 139 6.35 5.73 -4.81
CA ILE B 139 6.68 5.05 -3.58
C ILE B 139 7.72 3.97 -3.85
N SER B 140 8.68 3.80 -2.95
CA SER B 140 9.70 2.78 -3.14
C SER B 140 9.30 1.51 -2.40
N SER B 141 9.98 0.41 -2.69
CA SER B 141 9.68 -0.86 -2.06
C SER B 141 10.03 -0.79 -0.59
N ASN B 142 11.07 -0.01 -0.28
CA ASN B 142 11.52 0.14 1.08
C ASN B 142 10.49 0.89 1.91
N GLU B 143 9.82 1.85 1.29
CA GLU B 143 8.78 2.63 1.96
C GLU B 143 7.54 1.74 2.08
N ILE B 144 7.20 1.08 0.99
CA ILE B 144 6.04 0.19 0.98
C ILE B 144 6.25 -0.89 2.04
N LEU B 145 7.50 -1.37 2.16
CA LEU B 145 7.79 -2.37 3.17
C LEU B 145 7.67 -1.72 4.56
N GLY B 146 8.01 -0.43 4.66
CA GLY B 146 7.91 0.26 5.92
C GLY B 146 6.44 0.44 6.30
N PHE B 147 5.59 0.50 5.28
CA PHE B 147 4.16 0.63 5.47
C PHE B 147 3.68 -0.62 6.19
N GLY B 148 3.74 -1.76 5.50
CA GLY B 148 3.32 -3.03 6.05
C GLY B 148 4.01 -3.45 7.34
N ARG B 149 4.84 -2.57 7.88
CA ARG B 149 5.59 -2.78 9.10
C ARG B 149 4.83 -2.10 10.24
N VAL B 150 4.35 -0.89 9.95
CA VAL B 150 3.59 -0.14 10.96
C VAL B 150 2.23 -0.83 11.09
N SER B 151 1.81 -1.48 10.02
CA SER B 151 0.52 -2.17 9.99
C SER B 151 0.45 -3.28 11.05
N HIS B 152 1.13 -4.39 10.80
CA HIS B 152 1.10 -5.50 11.75
C HIS B 152 1.96 -5.26 12.99
N SER B 153 2.05 -4.00 13.41
CA SER B 153 2.82 -3.63 14.60
C SER B 153 1.84 -3.53 15.75
N THR B 154 0.76 -2.78 15.54
CA THR B 154 -0.29 -2.62 16.54
C THR B 154 -1.48 -3.37 15.96
N ARG B 155 -1.17 -4.21 14.98
CA ARG B 155 -2.14 -5.02 14.27
C ARG B 155 -3.51 -4.36 14.15
N LYS B 156 -3.51 -3.16 13.59
CA LYS B 156 -4.74 -2.41 13.36
C LYS B 156 -4.94 -2.30 11.85
N GLU B 157 -5.84 -1.45 11.41
CA GLU B 157 -6.08 -1.32 9.98
C GLU B 157 -5.31 -0.17 9.32
N LEU B 158 -4.33 -0.50 8.48
CA LEU B 158 -3.54 0.50 7.78
C LEU B 158 -4.26 0.86 6.47
N ILE B 159 -4.32 2.15 6.18
CA ILE B 159 -5.01 2.63 4.98
C ILE B 159 -4.33 3.84 4.34
N LEU B 160 -4.20 3.77 3.01
CA LEU B 160 -3.57 4.82 2.21
C LEU B 160 -4.62 5.80 1.71
N GLY B 161 -4.43 7.09 2.00
CA GLY B 161 -5.38 8.08 1.54
C GLY B 161 -4.79 8.80 0.35
N ILE B 162 -5.08 8.33 -0.86
CA ILE B 162 -4.54 8.93 -2.06
C ILE B 162 -5.40 10.08 -2.58
N VAL B 163 -4.82 11.28 -2.53
CA VAL B 163 -5.49 12.51 -2.92
C VAL B 163 -5.08 13.09 -4.26
N ASN B 164 -6.07 13.56 -5.01
CA ASN B 164 -5.83 14.22 -6.29
C ASN B 164 -5.97 15.72 -5.96
N LEU B 165 -4.86 16.45 -6.01
CA LEU B 165 -4.94 17.86 -5.68
C LEU B 165 -5.73 18.68 -6.67
N THR B 166 -6.02 18.11 -7.84
CA THR B 166 -6.78 18.84 -8.84
C THR B 166 -8.28 18.82 -8.54
N ASN B 167 -8.92 17.66 -8.67
CA ASN B 167 -10.35 17.57 -8.40
C ASN B 167 -10.70 17.41 -6.91
N GLY B 168 -9.68 17.18 -6.09
CA GLY B 168 -9.91 17.01 -4.66
C GLY B 168 -10.51 15.67 -4.27
N LYS B 169 -10.67 14.77 -5.23
CA LYS B 169 -11.24 13.45 -4.96
C LYS B 169 -10.23 12.59 -4.20
N ILE B 170 -10.72 11.59 -3.49
CA ILE B 170 -9.85 10.73 -2.70
C ILE B 170 -10.10 9.23 -2.88
N ARG B 171 -9.03 8.48 -3.08
CA ARG B 171 -9.13 7.03 -3.25
C ARG B 171 -8.47 6.39 -2.05
N TYR B 172 -9.22 5.58 -1.32
CA TYR B 172 -8.69 4.91 -0.15
C TYR B 172 -8.33 3.48 -0.49
N ILE B 173 -7.10 3.07 -0.19
CA ILE B 173 -6.68 1.71 -0.47
C ILE B 173 -5.99 1.20 0.78
N PHE B 175 -4.08 -2.00 2.91
CA PHE B 175 -3.28 -3.18 2.66
C PHE B 175 -2.78 -3.84 3.92
N LYS B 176 -2.67 -5.16 3.87
CA LYS B 176 -2.22 -5.95 5.00
C LYS B 176 -0.96 -6.70 4.67
N TRP B 177 -0.16 -6.99 5.68
CA TRP B 177 1.06 -7.75 5.52
C TRP B 177 0.57 -9.21 5.49
N LEU B 178 0.71 -9.87 4.35
CA LEU B 178 0.25 -11.25 4.21
C LEU B 178 1.29 -12.30 4.56
N LYS B 179 0.81 -13.50 4.88
CA LYS B 179 1.68 -14.62 5.21
C LYS B 179 1.32 -15.77 4.29
#